data_6M56
#
_entry.id   6M56
#
_entity_poly.entity_id   1
_entity_poly.type   'polypeptide(L)'
_entity_poly.pdbx_seq_one_letter_code
;NGAICWGPCPTAFRQIGNCGRFRVRCCRIR
;
_entity_poly.pdbx_strand_id   A
#
# COMPACT_ATOMS: atom_id res chain seq x y z
N ASN A 1 -16.75 2.09 0.50
CA ASN A 1 -16.04 1.44 -0.61
C ASN A 1 -15.33 2.49 -1.47
N GLY A 2 -14.17 2.12 -2.00
CA GLY A 2 -13.36 3.05 -2.76
C GLY A 2 -11.89 2.85 -2.48
N ALA A 3 -11.15 3.96 -2.38
CA ALA A 3 -9.73 3.90 -2.08
C ALA A 3 -9.50 3.82 -0.58
N ILE A 4 -10.40 4.44 0.16
CA ILE A 4 -10.34 4.44 1.61
C ILE A 4 -10.88 3.12 2.17
N CYS A 5 -10.06 2.41 2.92
CA CYS A 5 -10.44 1.12 3.49
C CYS A 5 -11.04 1.30 4.88
N TRP A 6 -10.98 2.52 5.38
CA TRP A 6 -11.51 2.87 6.70
C TRP A 6 -10.71 2.18 7.79
N GLY A 7 -9.42 2.03 7.57
CA GLY A 7 -8.57 1.40 8.55
C GLY A 7 -7.54 2.36 9.10
N PRO A 8 -7.21 2.25 10.39
CA PRO A 8 -6.15 3.07 11.01
C PRO A 8 -4.82 2.93 10.28
N CYS A 9 -4.50 1.71 9.90
CA CYS A 9 -3.30 1.44 9.13
C CYS A 9 -3.56 0.32 8.13
N PRO A 10 -4.13 0.66 6.96
CA PRO A 10 -4.45 -0.31 5.93
C PRO A 10 -3.20 -0.91 5.29
N THR A 11 -3.07 -2.22 5.42
CA THR A 11 -1.90 -2.93 4.91
C THR A 11 -2.12 -3.38 3.47
N ALA A 12 -3.33 -3.86 3.20
CA ALA A 12 -3.68 -4.35 1.87
C ALA A 12 -3.62 -3.23 0.85
N PHE A 13 -4.00 -2.03 1.27
CA PHE A 13 -3.93 -0.84 0.44
C PHE A 13 -2.49 -0.58 -0.01
N ARG A 14 -1.55 -0.77 0.90
CA ARG A 14 -0.14 -0.51 0.62
C ARG A 14 0.43 -1.57 -0.30
N GLN A 15 -0.10 -2.78 -0.19
CA GLN A 15 0.33 -3.89 -1.02
C GLN A 15 -0.16 -3.69 -2.46
N ILE A 16 -1.29 -3.02 -2.59
CA ILE A 16 -1.84 -2.72 -3.90
C ILE A 16 -1.18 -1.47 -4.46
N GLY A 17 -1.11 -0.42 -3.64
CA GLY A 17 -0.50 0.82 -4.06
C GLY A 17 1.02 0.76 -3.96
N ASN A 18 1.63 0.07 -4.90
CA ASN A 18 3.08 -0.08 -4.94
C ASN A 18 3.57 -0.09 -6.37
N CYS A 19 4.40 0.89 -6.71
CA CYS A 19 4.96 1.00 -8.04
C CYS A 19 6.48 1.02 -7.97
N GLY A 20 7.03 0.21 -7.07
CA GLY A 20 8.46 0.16 -6.88
C GLY A 20 9.18 -0.60 -7.97
N ARG A 21 8.42 -1.24 -8.85
CA ARG A 21 9.00 -1.96 -9.97
C ARG A 21 9.35 -1.00 -11.11
N PHE A 22 9.21 0.29 -10.83
CA PHE A 22 9.55 1.32 -11.80
C PHE A 22 11.02 1.66 -11.67
N ARG A 23 11.67 1.94 -12.79
CA ARG A 23 13.09 2.24 -12.78
C ARG A 23 13.33 3.74 -12.78
N VAL A 24 13.59 4.29 -11.60
CA VAL A 24 13.78 5.71 -11.43
C VAL A 24 15.02 6.20 -12.18
N ARG A 25 16.11 5.44 -12.08
CA ARG A 25 17.35 5.80 -12.74
C ARG A 25 17.18 5.82 -14.26
N CYS A 26 16.53 4.80 -14.78
CA CYS A 26 16.31 4.68 -16.22
C CYS A 26 15.42 5.79 -16.74
N CYS A 27 14.36 6.11 -16.00
CA CYS A 27 13.42 7.14 -16.40
C CYS A 27 14.01 8.54 -16.19
N ARG A 28 15.08 8.59 -15.41
CA ARG A 28 15.76 9.86 -15.15
C ARG A 28 16.66 10.21 -16.32
N ILE A 29 17.24 9.20 -16.95
CA ILE A 29 18.14 9.41 -18.07
C ILE A 29 17.37 9.34 -19.39
N ARG A 30 16.42 8.42 -19.48
CA ARG A 30 15.64 8.24 -20.70
C ARG A 30 14.23 8.78 -20.50
N ASN A 1 -10.88 1.48 17.67
CA ASN A 1 -10.27 1.52 16.31
C ASN A 1 -10.46 2.89 15.67
N GLY A 2 -11.21 3.76 16.32
CA GLY A 2 -11.46 5.08 15.77
C GLY A 2 -12.72 5.11 14.94
N ALA A 3 -12.78 6.01 13.97
CA ALA A 3 -13.94 6.10 13.10
C ALA A 3 -13.87 5.02 12.02
N ILE A 4 -12.73 4.96 11.35
CA ILE A 4 -12.51 3.95 10.33
C ILE A 4 -12.04 2.66 11.01
N CYS A 5 -12.99 1.82 11.38
CA CYS A 5 -12.69 0.57 12.06
C CYS A 5 -12.10 -0.44 11.08
N TRP A 6 -12.19 -0.14 9.79
CA TRP A 6 -11.65 -1.02 8.77
C TRP A 6 -10.12 -1.04 8.80
N GLY A 7 -9.54 -0.06 9.47
CA GLY A 7 -8.09 -0.03 9.60
C GLY A 7 -7.55 1.39 9.62
N PRO A 8 -6.93 1.83 10.71
CA PRO A 8 -6.26 3.13 10.78
C PRO A 8 -5.06 3.20 9.85
N CYS A 9 -4.44 2.05 9.64
CA CYS A 9 -3.29 1.95 8.76
C CYS A 9 -3.42 0.70 7.90
N PRO A 10 -4.18 0.80 6.79
CA PRO A 10 -4.46 -0.33 5.90
C PRO A 10 -3.18 -0.97 5.34
N THR A 11 -2.98 -2.24 5.64
CA THR A 11 -1.80 -2.95 5.20
C THR A 11 -2.01 -3.55 3.82
N ALA A 12 -3.19 -4.09 3.59
CA ALA A 12 -3.52 -4.71 2.30
C ALA A 12 -3.54 -3.66 1.20
N PHE A 13 -3.87 -2.44 1.58
CA PHE A 13 -3.87 -1.31 0.65
C PHE A 13 -2.46 -1.05 0.13
N ARG A 14 -1.47 -1.30 0.97
CA ARG A 14 -0.08 -1.07 0.62
C ARG A 14 0.38 -1.99 -0.50
N GLN A 15 -0.29 -3.14 -0.61
CA GLN A 15 0.02 -4.13 -1.64
C GLN A 15 -0.39 -3.60 -3.02
N ILE A 16 -1.38 -2.73 -3.02
CA ILE A 16 -1.85 -2.11 -4.26
C ILE A 16 -1.20 -0.75 -4.45
N GLY A 17 -1.07 -0.01 -3.35
CA GLY A 17 -0.46 1.30 -3.39
C GLY A 17 0.96 1.27 -3.90
N ASN A 18 1.83 0.59 -3.15
CA ASN A 18 3.22 0.47 -3.56
C ASN A 18 3.65 -0.99 -3.58
N CYS A 19 4.40 -1.42 -2.56
CA CYS A 19 4.88 -2.79 -2.44
C CYS A 19 5.55 -3.26 -3.74
N GLY A 20 6.53 -2.51 -4.19
CA GLY A 20 7.26 -2.88 -5.39
C GLY A 20 6.69 -2.26 -6.64
N ARG A 21 6.18 -1.05 -6.53
CA ARG A 21 5.65 -0.34 -7.70
C ARG A 21 6.79 0.34 -8.44
N PHE A 22 7.78 0.78 -7.69
CA PHE A 22 8.96 1.40 -8.28
C PHE A 22 10.21 0.68 -7.79
N ARG A 23 11.14 0.47 -8.70
CA ARG A 23 12.39 -0.18 -8.36
C ARG A 23 13.50 0.86 -8.23
N VAL A 24 13.99 1.06 -7.02
CA VAL A 24 15.00 2.07 -6.75
C VAL A 24 16.32 1.72 -7.44
N ARG A 25 16.59 0.43 -7.60
CA ARG A 25 17.80 -0.02 -8.28
C ARG A 25 17.74 0.33 -9.75
N CYS A 26 16.54 0.25 -10.32
CA CYS A 26 16.33 0.58 -11.72
C CYS A 26 16.38 2.09 -11.94
N CYS A 27 16.12 2.84 -10.87
CA CYS A 27 16.18 4.29 -10.92
C CYS A 27 17.60 4.79 -10.73
N ARG A 28 18.38 4.07 -9.93
CA ARG A 28 19.77 4.39 -9.70
C ARG A 28 20.58 4.18 -10.97
N ILE A 29 20.42 3.03 -11.58
CA ILE A 29 21.10 2.71 -12.82
C ILE A 29 20.06 2.39 -13.90
N ARG A 30 19.83 3.36 -14.78
CA ARG A 30 18.86 3.18 -15.85
C ARG A 30 19.59 2.80 -17.14
N ASN A 1 -9.23 5.81 21.20
CA ASN A 1 -8.71 4.97 20.09
C ASN A 1 -9.41 5.34 18.78
N GLY A 2 -10.60 5.91 18.86
CA GLY A 2 -11.35 6.28 17.68
C GLY A 2 -12.30 5.18 17.26
N ALA A 3 -13.03 5.40 16.18
CA ALA A 3 -13.93 4.38 15.65
C ALA A 3 -13.14 3.23 15.08
N ILE A 4 -12.08 3.56 14.34
CA ILE A 4 -11.19 2.55 13.81
C ILE A 4 -10.32 1.98 14.94
N CYS A 5 -10.61 0.74 15.32
CA CYS A 5 -9.98 0.15 16.48
C CYS A 5 -8.72 -0.61 16.11
N TRP A 6 -8.71 -1.26 14.96
CA TRP A 6 -7.54 -1.99 14.52
C TRP A 6 -7.18 -1.64 13.08
N GLY A 7 -5.92 -1.33 12.86
CA GLY A 7 -5.45 -1.03 11.52
C GLY A 7 -5.96 0.30 10.99
N PRO A 8 -5.46 1.43 11.51
CA PRO A 8 -5.80 2.76 11.00
C PRO A 8 -5.33 2.93 9.57
N CYS A 9 -4.23 2.26 9.26
CA CYS A 9 -3.68 2.24 7.92
C CYS A 9 -3.58 0.80 7.44
N PRO A 10 -4.57 0.33 6.67
CA PRO A 10 -4.62 -1.05 6.18
C PRO A 10 -3.40 -1.41 5.34
N THR A 11 -2.80 -2.55 5.66
CA THR A 11 -1.62 -3.02 4.95
C THR A 11 -2.00 -3.50 3.56
N ALA A 12 -3.26 -3.86 3.40
CA ALA A 12 -3.78 -4.30 2.11
C ALA A 12 -3.58 -3.21 1.05
N PHE A 13 -3.89 -1.97 1.41
CA PHE A 13 -3.74 -0.86 0.47
C PHE A 13 -2.26 -0.57 0.21
N ARG A 14 -1.42 -0.89 1.18
CA ARG A 14 0.02 -0.73 1.02
C ARG A 14 0.57 -1.78 0.05
N GLN A 15 -0.24 -2.81 -0.17
CA GLN A 15 0.10 -3.86 -1.13
C GLN A 15 -0.44 -3.49 -2.50
N ILE A 16 -1.57 -2.79 -2.53
CA ILE A 16 -2.17 -2.34 -3.77
C ILE A 16 -1.37 -1.17 -4.33
N GLY A 17 -1.09 -0.20 -3.46
CA GLY A 17 -0.27 0.93 -3.85
C GLY A 17 -1.06 2.22 -3.92
N ASN A 18 -0.62 3.23 -3.18
CA ASN A 18 -1.24 4.54 -3.23
C ASN A 18 -0.20 5.62 -3.50
N CYS A 19 0.83 5.64 -2.67
CA CYS A 19 1.87 6.66 -2.76
C CYS A 19 2.93 6.26 -3.79
N GLY A 20 2.52 6.21 -5.06
CA GLY A 20 3.44 5.90 -6.13
C GLY A 20 4.16 4.59 -5.94
N ARG A 21 3.41 3.51 -5.79
CA ARG A 21 3.99 2.20 -5.57
C ARG A 21 4.07 1.41 -6.87
N PHE A 22 3.86 2.11 -7.96
CA PHE A 22 4.05 1.54 -9.28
C PHE A 22 5.49 1.72 -9.72
N ARG A 23 5.97 0.87 -10.61
CA ARG A 23 7.34 0.95 -11.05
C ARG A 23 7.48 1.93 -12.21
N VAL A 24 8.28 2.96 -11.99
CA VAL A 24 8.50 4.00 -12.98
C VAL A 24 9.24 3.46 -14.19
N ARG A 25 10.01 2.39 -13.97
CA ARG A 25 10.76 1.74 -15.02
C ARG A 25 9.82 1.15 -16.08
N CYS A 26 8.57 0.95 -15.70
CA CYS A 26 7.57 0.48 -16.64
C CYS A 26 6.94 1.66 -17.38
N CYS A 27 6.71 2.75 -16.66
CA CYS A 27 6.07 3.93 -17.23
C CYS A 27 6.99 4.69 -18.19
N ARG A 28 8.29 4.59 -17.96
CA ARG A 28 9.27 5.25 -18.81
C ARG A 28 9.29 4.61 -20.21
N ILE A 29 8.70 3.44 -20.33
CA ILE A 29 8.66 2.72 -21.59
C ILE A 29 7.21 2.41 -21.96
N ARG A 30 6.28 3.07 -21.28
CA ARG A 30 4.86 2.85 -21.51
C ARG A 30 4.08 4.12 -21.16
N ASN A 1 1.98 -9.55 8.77
CA ASN A 1 1.99 -10.81 9.54
C ASN A 1 2.42 -10.54 10.98
N GLY A 2 2.51 -11.59 11.78
CA GLY A 2 3.01 -11.45 13.14
C GLY A 2 2.12 -10.60 14.02
N ALA A 3 2.59 -9.41 14.34
CA ALA A 3 1.85 -8.52 15.22
C ALA A 3 0.97 -7.56 14.43
N ILE A 4 1.24 -7.44 13.14
CA ILE A 4 0.48 -6.55 12.30
C ILE A 4 -0.71 -7.28 11.66
N CYS A 5 -1.85 -7.20 12.33
CA CYS A 5 -3.07 -7.80 11.83
C CYS A 5 -4.10 -6.71 11.55
N TRP A 6 -4.10 -5.69 12.38
CA TRP A 6 -5.02 -4.57 12.23
C TRP A 6 -4.27 -3.26 12.48
N GLY A 7 -4.17 -2.42 11.46
CA GLY A 7 -3.47 -1.16 11.61
C GLY A 7 -4.36 0.02 11.29
N PRO A 8 -3.96 1.24 11.68
CA PRO A 8 -4.71 2.46 11.38
C PRO A 8 -4.83 2.71 9.88
N CYS A 9 -3.87 2.16 9.14
CA CYS A 9 -3.89 2.22 7.69
C CYS A 9 -4.03 0.81 7.13
N PRO A 10 -4.89 0.62 6.12
CA PRO A 10 -5.10 -0.68 5.48
C PRO A 10 -3.81 -1.26 4.92
N THR A 11 -3.42 -2.42 5.44
CA THR A 11 -2.20 -3.09 5.01
C THR A 11 -2.31 -3.50 3.54
N ALA A 12 -3.50 -3.97 3.17
CA ALA A 12 -3.76 -4.37 1.79
C ALA A 12 -3.58 -3.20 0.84
N PHE A 13 -4.06 -2.03 1.24
CA PHE A 13 -3.96 -0.84 0.41
C PHE A 13 -2.49 -0.42 0.28
N ARG A 14 -1.71 -0.69 1.32
CA ARG A 14 -0.27 -0.40 1.29
C ARG A 14 0.45 -1.36 0.36
N GLN A 15 -0.10 -2.56 0.20
CA GLN A 15 0.52 -3.58 -0.63
C GLN A 15 0.17 -3.39 -2.10
N ILE A 16 -1.07 -3.00 -2.36
CA ILE A 16 -1.53 -2.80 -3.72
C ILE A 16 -1.08 -1.45 -4.26
N GLY A 17 -1.03 -0.45 -3.39
CA GLY A 17 -0.65 0.88 -3.80
C GLY A 17 0.80 0.97 -4.27
N ASN A 18 0.97 0.99 -5.59
CA ASN A 18 2.30 1.08 -6.18
C ASN A 18 2.37 2.26 -7.14
N CYS A 19 3.29 3.18 -6.88
CA CYS A 19 3.51 4.32 -7.76
C CYS A 19 3.98 3.84 -9.12
N GLY A 20 3.12 3.99 -10.12
CA GLY A 20 3.40 3.44 -11.44
C GLY A 20 2.28 2.55 -11.90
N ARG A 21 1.71 1.80 -10.98
CA ARG A 21 0.53 0.99 -11.25
C ARG A 21 -0.70 1.85 -11.05
N PHE A 22 -0.56 2.80 -10.14
CA PHE A 22 -1.58 3.81 -9.92
C PHE A 22 -1.01 5.17 -10.29
N ARG A 23 -1.34 5.63 -11.48
CA ARG A 23 -0.77 6.85 -12.01
C ARG A 23 -1.73 8.02 -11.81
N VAL A 24 -1.59 8.67 -10.67
CA VAL A 24 -2.45 9.78 -10.32
C VAL A 24 -1.91 11.09 -10.89
N ARG A 25 -0.65 11.06 -11.30
CA ARG A 25 0.01 12.25 -11.82
C ARG A 25 -0.27 12.41 -13.32
N CYS A 26 -0.72 11.34 -13.95
CA CYS A 26 -0.91 11.33 -15.40
C CYS A 26 -2.26 11.91 -15.82
N CYS A 27 -3.08 12.27 -14.84
CA CYS A 27 -4.42 12.80 -15.13
C CYS A 27 -4.35 14.22 -15.68
N ARG A 28 -3.16 14.81 -15.63
CA ARG A 28 -2.97 16.19 -16.08
C ARG A 28 -2.44 16.23 -17.52
N ILE A 29 -2.04 15.08 -18.03
CA ILE A 29 -1.47 15.02 -19.38
C ILE A 29 -2.23 14.05 -20.27
N ARG A 30 -2.57 14.50 -21.47
CA ARG A 30 -3.29 13.69 -22.43
C ARG A 30 -3.23 14.36 -23.79
N ASN A 1 3.55 -8.21 14.56
CA ASN A 1 4.19 -7.80 15.83
C ASN A 1 3.17 -7.73 16.95
N GLY A 2 2.50 -8.84 17.20
CA GLY A 2 1.50 -8.88 18.25
C GLY A 2 0.09 -8.90 17.70
N ALA A 3 -0.88 -8.60 18.56
CA ALA A 3 -2.28 -8.60 18.16
C ALA A 3 -2.65 -7.25 17.56
N ILE A 4 -2.13 -6.18 18.14
CA ILE A 4 -2.44 -4.84 17.67
C ILE A 4 -1.52 -4.47 16.51
N CYS A 5 -2.12 -3.99 15.43
CA CYS A 5 -1.38 -3.63 14.23
C CYS A 5 -0.73 -2.26 14.37
N TRP A 6 -1.30 -1.45 15.27
CA TRP A 6 -0.80 -0.12 15.58
C TRP A 6 -0.81 0.79 14.36
N GLY A 7 -1.74 0.55 13.45
CA GLY A 7 -1.81 1.32 12.24
C GLY A 7 -3.22 1.38 11.67
N PRO A 8 -3.82 2.58 11.65
CA PRO A 8 -5.14 2.78 11.05
C PRO A 8 -5.13 2.54 9.53
N CYS A 9 -3.95 2.68 8.95
CA CYS A 9 -3.78 2.47 7.52
C CYS A 9 -3.84 0.97 7.20
N PRO A 10 -4.73 0.57 6.28
CA PRO A 10 -4.88 -0.83 5.90
C PRO A 10 -3.63 -1.37 5.22
N THR A 11 -3.06 -2.41 5.81
CA THR A 11 -1.81 -2.99 5.32
C THR A 11 -2.01 -3.63 3.94
N ALA A 12 -3.15 -4.30 3.76
CA ALA A 12 -3.46 -4.96 2.51
C ALA A 12 -3.70 -3.93 1.40
N PHE A 13 -4.13 -2.73 1.78
CA PHE A 13 -4.38 -1.67 0.83
C PHE A 13 -3.05 -1.11 0.31
N ARG A 14 -2.03 -1.14 1.16
CA ARG A 14 -0.71 -0.65 0.77
C ARG A 14 -0.01 -1.66 -0.15
N GLN A 15 -0.66 -2.79 -0.38
CA GLN A 15 -0.16 -3.77 -1.34
C GLN A 15 -0.46 -3.30 -2.75
N ILE A 16 -1.40 -2.36 -2.86
CA ILE A 16 -1.75 -1.77 -4.14
C ILE A 16 -0.81 -0.61 -4.44
N GLY A 17 -0.37 0.05 -3.37
CA GLY A 17 0.51 1.19 -3.49
C GLY A 17 -0.24 2.40 -4.02
N ASN A 18 0.45 3.21 -4.81
CA ASN A 18 -0.19 4.36 -5.45
C ASN A 18 -0.21 4.16 -6.96
N CYS A 19 0.94 4.36 -7.58
CA CYS A 19 1.06 4.19 -9.02
C CYS A 19 2.43 3.62 -9.39
N GLY A 20 2.67 2.37 -9.01
CA GLY A 20 3.92 1.72 -9.35
C GLY A 20 4.88 1.64 -8.20
N ARG A 21 4.36 1.54 -6.99
CA ARG A 21 5.19 1.39 -5.81
C ARG A 21 5.44 -0.08 -5.54
N PHE A 22 4.37 -0.87 -5.66
CA PHE A 22 4.44 -2.29 -5.47
C PHE A 22 4.73 -2.97 -6.80
N ARG A 23 5.57 -3.99 -6.79
CA ARG A 23 5.92 -4.66 -8.02
C ARG A 23 4.93 -5.77 -8.32
N VAL A 24 3.86 -5.40 -9.00
CA VAL A 24 2.80 -6.33 -9.33
C VAL A 24 3.30 -7.34 -10.37
N ARG A 25 4.11 -6.85 -11.29
CA ARG A 25 4.67 -7.71 -12.34
C ARG A 25 5.45 -8.86 -11.72
N CYS A 26 6.35 -8.52 -10.80
CA CYS A 26 7.20 -9.51 -10.15
C CYS A 26 6.40 -10.44 -9.24
N CYS A 27 5.45 -9.87 -8.51
CA CYS A 27 4.66 -10.65 -7.57
C CYS A 27 3.67 -11.55 -8.30
N ARG A 28 3.23 -11.12 -9.48
CA ARG A 28 2.25 -11.87 -10.26
C ARG A 28 2.89 -13.08 -10.92
N ILE A 29 4.07 -12.89 -11.51
CA ILE A 29 4.77 -13.99 -12.15
C ILE A 29 5.32 -14.96 -11.10
N ARG A 30 5.75 -14.39 -9.97
CA ARG A 30 6.25 -15.15 -8.83
C ARG A 30 7.43 -16.04 -9.25
N ASN A 1 -15.75 -3.81 6.55
CA ASN A 1 -17.17 -3.53 6.23
C ASN A 1 -17.31 -2.94 4.84
N GLY A 2 -17.69 -3.78 3.88
CA GLY A 2 -17.91 -3.31 2.52
C GLY A 2 -16.64 -2.82 1.86
N ALA A 3 -16.62 -1.55 1.49
CA ALA A 3 -15.46 -0.95 0.86
C ALA A 3 -14.40 -0.64 1.91
N ILE A 4 -14.86 -0.35 3.12
CA ILE A 4 -13.95 -0.02 4.21
C ILE A 4 -13.48 -1.29 4.92
N CYS A 5 -12.38 -1.84 4.42
CA CYS A 5 -11.73 -2.96 5.08
C CYS A 5 -10.37 -2.52 5.60
N TRP A 6 -10.18 -1.20 5.62
CA TRP A 6 -8.94 -0.60 6.05
C TRP A 6 -9.20 0.77 6.66
N GLY A 7 -8.41 1.13 7.66
CA GLY A 7 -8.56 2.42 8.29
C GLY A 7 -7.21 3.06 8.58
N PRO A 8 -6.85 3.22 9.86
CA PRO A 8 -5.55 3.78 10.26
C PRO A 8 -4.38 2.94 9.78
N CYS A 9 -4.55 1.62 9.78
CA CYS A 9 -3.47 0.72 9.41
C CYS A 9 -3.91 -0.21 8.26
N PRO A 10 -3.90 0.31 7.03
CA PRO A 10 -4.23 -0.46 5.83
C PRO A 10 -3.09 -1.40 5.43
N THR A 11 -3.36 -2.70 5.42
CA THR A 11 -2.31 -3.66 5.11
C THR A 11 -2.24 -3.93 3.61
N ALA A 12 -3.41 -4.09 2.98
CA ALA A 12 -3.48 -4.41 1.57
C ALA A 12 -3.54 -3.16 0.71
N PHE A 13 -4.05 -2.08 1.30
CA PHE A 13 -4.18 -0.82 0.59
C PHE A 13 -2.82 -0.18 0.34
N ARG A 14 -1.86 -0.48 1.21
CA ARG A 14 -0.52 0.06 1.06
C ARG A 14 0.33 -0.84 0.17
N GLN A 15 -0.17 -2.03 -0.13
CA GLN A 15 0.56 -2.96 -0.98
C GLN A 15 0.02 -2.94 -2.40
N ILE A 16 -1.25 -3.30 -2.56
CA ILE A 16 -1.87 -3.28 -3.87
C ILE A 16 -2.75 -2.05 -4.04
N GLY A 17 -3.47 -1.71 -2.99
CA GLY A 17 -4.37 -0.57 -3.06
C GLY A 17 -5.82 -1.00 -3.04
N ASN A 18 -6.15 -1.87 -2.10
CA ASN A 18 -7.51 -2.39 -1.94
C ASN A 18 -7.91 -3.21 -3.17
N CYS A 19 -7.19 -4.31 -3.37
CA CYS A 19 -7.45 -5.22 -4.48
C CYS A 19 -6.61 -6.48 -4.29
N GLY A 20 -6.61 -6.97 -3.06
CA GLY A 20 -5.79 -8.12 -2.73
C GLY A 20 -4.62 -7.74 -1.84
N ARG A 21 -3.89 -8.72 -1.37
CA ARG A 21 -2.75 -8.48 -0.52
C ARG A 21 -1.45 -8.57 -1.31
N PHE A 22 -1.31 -9.65 -2.08
CA PHE A 22 -0.09 -9.88 -2.85
C PHE A 22 -0.43 -10.05 -4.32
N ARG A 23 0.50 -9.64 -5.17
CA ARG A 23 0.27 -9.72 -6.61
C ARG A 23 0.96 -10.94 -7.20
N VAL A 24 0.16 -11.85 -7.73
CA VAL A 24 0.66 -13.08 -8.34
C VAL A 24 1.52 -12.75 -9.56
N ARG A 25 1.09 -11.74 -10.30
CA ARG A 25 1.78 -11.31 -11.51
C ARG A 25 3.19 -10.82 -11.21
N CYS A 26 3.36 -10.19 -10.05
CA CYS A 26 4.64 -9.63 -9.67
C CYS A 26 5.62 -10.71 -9.23
N CYS A 27 5.09 -11.88 -8.91
CA CYS A 27 5.94 -13.00 -8.54
C CYS A 27 6.60 -13.57 -9.80
N ARG A 28 5.96 -13.34 -10.94
CA ARG A 28 6.47 -13.84 -12.21
C ARG A 28 7.20 -12.75 -12.99
N ILE A 29 6.51 -11.65 -13.27
CA ILE A 29 7.05 -10.60 -14.14
C ILE A 29 7.29 -9.29 -13.39
N ARG A 30 6.32 -8.88 -12.57
CA ARG A 30 6.39 -7.62 -11.82
C ARG A 30 6.32 -6.42 -12.77
N ASN A 1 0.91 -13.75 8.41
CA ASN A 1 1.31 -12.91 9.55
C ASN A 1 0.09 -12.49 10.36
N GLY A 2 0.05 -12.89 11.61
CA GLY A 2 -1.09 -12.57 12.45
C GLY A 2 -0.77 -11.47 13.44
N ALA A 3 -0.22 -10.37 12.94
CA ALA A 3 0.15 -9.27 13.80
C ALA A 3 -0.93 -8.19 13.82
N ILE A 4 -1.21 -7.63 12.65
CA ILE A 4 -2.18 -6.54 12.53
C ILE A 4 -3.06 -6.72 11.29
N CYS A 5 -4.26 -7.23 11.48
CA CYS A 5 -5.20 -7.39 10.37
C CYS A 5 -6.01 -6.11 10.19
N TRP A 6 -5.97 -5.24 11.19
CA TRP A 6 -6.69 -3.99 11.14
C TRP A 6 -5.77 -2.83 11.50
N GLY A 7 -6.20 -1.61 11.21
CA GLY A 7 -5.40 -0.45 11.50
C GLY A 7 -5.78 0.74 10.63
N PRO A 8 -5.45 1.97 11.05
CA PRO A 8 -5.69 3.19 10.26
C PRO A 8 -5.07 3.11 8.87
N CYS A 9 -3.98 2.37 8.77
CA CYS A 9 -3.31 2.17 7.50
C CYS A 9 -3.40 0.69 7.12
N PRO A 10 -4.34 0.35 6.23
CA PRO A 10 -4.56 -1.04 5.81
C PRO A 10 -3.31 -1.69 5.22
N THR A 11 -3.02 -2.89 5.68
CA THR A 11 -1.85 -3.63 5.24
C THR A 11 -2.03 -4.09 3.81
N ALA A 12 -3.27 -4.36 3.42
CA ALA A 12 -3.59 -4.76 2.07
C ALA A 12 -3.46 -3.57 1.13
N PHE A 13 -3.90 -2.40 1.59
CA PHE A 13 -3.87 -1.20 0.77
C PHE A 13 -2.44 -0.73 0.56
N ARG A 14 -1.55 -1.11 1.47
CA ARG A 14 -0.13 -0.82 1.33
C ARG A 14 0.43 -1.56 0.12
N GLN A 15 -0.16 -2.71 -0.17
CA GLN A 15 0.26 -3.53 -1.31
C GLN A 15 -0.47 -3.07 -2.56
N ILE A 16 -1.64 -2.48 -2.37
CA ILE A 16 -2.40 -1.89 -3.47
C ILE A 16 -1.71 -0.61 -3.93
N GLY A 17 -1.07 0.07 -2.98
CA GLY A 17 -0.38 1.29 -3.29
C GLY A 17 -1.31 2.48 -3.21
N ASN A 18 -1.24 3.34 -4.21
CA ASN A 18 -2.13 4.49 -4.28
C ASN A 18 -3.08 4.33 -5.44
N CYS A 19 -3.32 3.09 -5.82
CA CYS A 19 -4.18 2.76 -6.95
C CYS A 19 -5.62 2.61 -6.50
N GLY A 20 -5.96 3.26 -5.39
CA GLY A 20 -7.29 3.16 -4.85
C GLY A 20 -8.28 4.07 -5.57
N ARG A 21 -9.45 3.53 -5.87
CA ARG A 21 -10.47 4.29 -6.56
C ARG A 21 -11.08 5.32 -5.62
N PHE A 22 -11.11 4.98 -4.34
CA PHE A 22 -11.60 5.90 -3.33
C PHE A 22 -10.62 5.90 -2.15
N ARG A 23 -10.37 7.08 -1.62
CA ARG A 23 -9.44 7.22 -0.51
C ARG A 23 -10.21 7.33 0.79
N VAL A 24 -9.94 6.43 1.71
CA VAL A 24 -10.67 6.36 2.96
C VAL A 24 -10.31 7.53 3.86
N ARG A 25 -9.17 8.17 3.56
CA ARG A 25 -8.68 9.31 4.34
C ARG A 25 -9.74 10.40 4.47
N CYS A 26 -10.33 10.80 3.35
CA CYS A 26 -11.30 11.89 3.36
C CYS A 26 -12.61 11.46 4.00
N CYS A 27 -12.81 10.16 4.10
CA CYS A 27 -14.03 9.61 4.69
C CYS A 27 -13.79 9.26 6.16
N ARG A 28 -12.58 9.53 6.65
CA ARG A 28 -12.24 9.24 8.03
C ARG A 28 -12.64 10.40 8.92
N ILE A 29 -11.99 11.54 8.73
CA ILE A 29 -12.24 12.70 9.57
C ILE A 29 -12.09 14.01 8.79
N ARG A 30 -13.17 14.38 8.11
CA ARG A 30 -13.26 15.67 7.42
C ARG A 30 -14.70 15.92 6.99
N ASN A 1 -16.44 -3.62 2.18
CA ASN A 1 -17.53 -3.74 3.18
C ASN A 1 -18.44 -2.52 3.12
N GLY A 2 -18.08 -1.55 2.29
CA GLY A 2 -18.86 -0.33 2.19
C GLY A 2 -17.98 0.87 1.97
N ALA A 3 -18.38 2.01 2.52
CA ALA A 3 -17.62 3.24 2.34
C ALA A 3 -16.34 3.23 3.17
N ILE A 4 -16.42 2.68 4.38
CA ILE A 4 -15.29 2.67 5.29
C ILE A 4 -14.33 1.53 4.90
N CYS A 5 -13.40 1.84 4.03
CA CYS A 5 -12.49 0.84 3.50
C CYS A 5 -11.09 1.03 4.08
N TRP A 6 -10.84 2.19 4.67
CA TRP A 6 -9.54 2.50 5.24
C TRP A 6 -9.65 2.67 6.74
N GLY A 7 -9.00 1.78 7.48
CA GLY A 7 -9.00 1.88 8.93
C GLY A 7 -7.81 2.66 9.45
N PRO A 8 -7.38 2.38 10.69
CA PRO A 8 -6.25 3.09 11.32
C PRO A 8 -4.93 2.86 10.60
N CYS A 9 -4.79 1.68 10.01
CA CYS A 9 -3.55 1.31 9.35
C CYS A 9 -3.83 0.37 8.18
N PRO A 10 -4.07 0.93 6.97
CA PRO A 10 -4.32 0.14 5.78
C PRO A 10 -3.11 -0.70 5.42
N THR A 11 -3.28 -2.01 5.42
CA THR A 11 -2.18 -2.92 5.18
C THR A 11 -2.20 -3.44 3.75
N ALA A 12 -3.40 -3.77 3.27
CA ALA A 12 -3.55 -4.34 1.94
C ALA A 12 -3.34 -3.28 0.87
N PHE A 13 -3.72 -2.05 1.17
CA PHE A 13 -3.57 -0.95 0.21
C PHE A 13 -2.09 -0.60 0.01
N ARG A 14 -1.25 -0.99 0.95
CA ARG A 14 0.19 -0.76 0.81
C ARG A 14 0.81 -1.78 -0.12
N GLN A 15 0.04 -2.83 -0.41
CA GLN A 15 0.47 -3.86 -1.34
C GLN A 15 -0.11 -3.59 -2.73
N ILE A 16 -1.34 -3.06 -2.75
CA ILE A 16 -2.01 -2.75 -4.01
C ILE A 16 -1.41 -1.49 -4.63
N GLY A 17 -1.30 -0.45 -3.83
CA GLY A 17 -0.79 0.83 -4.33
C GLY A 17 0.71 0.87 -4.42
N ASN A 18 1.25 2.04 -4.67
CA ASN A 18 2.69 2.23 -4.83
C ASN A 18 3.24 3.01 -3.64
N CYS A 19 4.46 2.66 -3.21
CA CYS A 19 5.06 3.25 -2.02
C CYS A 19 5.61 4.64 -2.29
N GLY A 20 5.60 5.05 -3.55
CA GLY A 20 6.09 6.36 -3.92
C GLY A 20 5.08 7.45 -3.62
N ARG A 21 4.67 7.52 -2.36
CA ARG A 21 3.72 8.54 -1.93
C ARG A 21 4.48 9.78 -1.50
N PHE A 22 5.74 9.59 -1.19
CA PHE A 22 6.64 10.69 -0.87
C PHE A 22 7.39 11.08 -2.13
N ARG A 23 8.05 12.22 -2.10
CA ARG A 23 8.85 12.65 -3.23
C ARG A 23 10.29 12.27 -3.01
N VAL A 24 10.88 11.60 -4.00
CA VAL A 24 12.24 11.10 -3.92
C VAL A 24 13.24 12.26 -3.77
N ARG A 25 12.80 13.47 -4.11
CA ARG A 25 13.60 14.66 -3.94
C ARG A 25 14.01 14.82 -2.47
N CYS A 26 13.10 14.46 -1.57
CA CYS A 26 13.35 14.56 -0.14
C CYS A 26 14.43 13.58 0.31
N CYS A 27 14.51 12.45 -0.39
CA CYS A 27 15.50 11.43 -0.07
C CYS A 27 16.81 11.73 -0.79
N ARG A 28 16.71 12.36 -1.95
CA ARG A 28 17.88 12.65 -2.79
C ARG A 28 18.75 13.73 -2.16
N ILE A 29 18.13 14.64 -1.41
CA ILE A 29 18.86 15.69 -0.72
C ILE A 29 19.54 15.15 0.54
N ARG A 30 19.22 13.90 0.87
CA ARG A 30 19.81 13.20 2.02
C ARG A 30 19.52 13.94 3.32
N ASN A 1 -4.38 -4.24 12.33
CA ASN A 1 -3.18 -4.24 11.48
C ASN A 1 -2.66 -5.65 11.28
N GLY A 2 -2.41 -6.03 10.04
CA GLY A 2 -1.98 -7.39 9.75
C GLY A 2 -3.15 -8.33 9.58
N ALA A 3 -3.62 -8.89 10.69
CA ALA A 3 -4.77 -9.79 10.67
C ALA A 3 -6.02 -9.00 10.30
N ILE A 4 -6.20 -7.88 10.98
CA ILE A 4 -7.27 -6.95 10.64
C ILE A 4 -6.70 -5.83 9.79
N CYS A 5 -6.99 -5.87 8.50
CA CYS A 5 -6.42 -4.91 7.57
C CYS A 5 -7.12 -3.56 7.67
N TRP A 6 -8.42 -3.58 7.90
CA TRP A 6 -9.21 -2.36 7.91
C TRP A 6 -9.08 -1.64 9.25
N GLY A 7 -8.64 -0.40 9.20
CA GLY A 7 -8.45 0.38 10.40
C GLY A 7 -7.82 1.72 10.11
N PRO A 8 -6.88 2.17 10.95
CA PRO A 8 -6.17 3.44 10.73
C PRO A 8 -5.28 3.40 9.49
N CYS A 9 -4.68 2.25 9.25
CA CYS A 9 -3.80 2.05 8.12
C CYS A 9 -3.95 0.64 7.57
N PRO A 10 -4.52 0.49 6.36
CA PRO A 10 -4.75 -0.82 5.75
C PRO A 10 -3.43 -1.49 5.33
N THR A 11 -3.19 -2.67 5.88
CA THR A 11 -1.96 -3.40 5.63
C THR A 11 -1.88 -3.86 4.16
N ALA A 12 -3.03 -4.21 3.60
CA ALA A 12 -3.10 -4.68 2.22
C ALA A 12 -2.97 -3.50 1.24
N PHE A 13 -3.20 -2.30 1.74
CA PHE A 13 -3.08 -1.09 0.92
C PHE A 13 -1.63 -0.88 0.48
N ARG A 14 -0.70 -1.51 1.17
CA ARG A 14 0.70 -1.45 0.79
C ARG A 14 0.91 -2.13 -0.56
N GLN A 15 0.05 -3.10 -0.85
CA GLN A 15 0.10 -3.81 -2.13
C GLN A 15 -0.79 -3.12 -3.15
N ILE A 16 -1.87 -2.52 -2.67
CA ILE A 16 -2.81 -1.81 -3.53
C ILE A 16 -2.17 -0.52 -4.05
N GLY A 17 -1.38 0.12 -3.20
CA GLY A 17 -0.69 1.33 -3.58
C GLY A 17 0.58 1.06 -4.34
N ASN A 18 0.44 0.73 -5.61
CA ASN A 18 1.59 0.51 -6.48
C ASN A 18 2.02 1.82 -7.12
N CYS A 19 1.07 2.72 -7.29
CA CYS A 19 1.35 4.04 -7.82
C CYS A 19 1.77 4.97 -6.70
N GLY A 20 2.67 5.89 -6.99
CA GLY A 20 3.12 6.84 -5.99
C GLY A 20 2.43 8.17 -6.14
N ARG A 21 1.43 8.42 -5.31
CA ARG A 21 0.70 9.68 -5.35
C ARG A 21 1.57 10.80 -4.78
N PHE A 22 2.46 10.42 -3.88
CA PHE A 22 3.39 11.34 -3.25
C PHE A 22 4.80 11.12 -3.78
N ARG A 23 5.69 12.04 -3.47
CA ARG A 23 7.09 11.90 -3.86
C ARG A 23 7.89 11.30 -2.72
N VAL A 24 8.89 10.51 -3.08
CA VAL A 24 9.74 9.82 -2.10
C VAL A 24 10.46 10.82 -1.20
N ARG A 25 10.86 11.95 -1.78
CA ARG A 25 11.50 13.01 -1.01
C ARG A 25 10.56 13.53 0.08
N CYS A 26 9.29 13.68 -0.28
CA CYS A 26 8.28 14.16 0.66
C CYS A 26 8.11 13.16 1.80
N CYS A 27 8.20 11.88 1.48
CA CYS A 27 8.03 10.82 2.47
C CYS A 27 9.28 10.70 3.35
N ARG A 28 10.41 11.19 2.85
CA ARG A 28 11.66 11.11 3.58
C ARG A 28 11.83 12.26 4.57
N ILE A 29 11.15 13.36 4.31
CA ILE A 29 11.25 14.51 5.21
C ILE A 29 10.13 14.47 6.25
N ARG A 30 8.89 14.31 5.81
CA ARG A 30 7.74 14.28 6.69
C ARG A 30 6.47 14.04 5.90
N ASN A 1 -12.03 -7.29 16.01
CA ASN A 1 -10.77 -7.95 16.43
C ASN A 1 -10.72 -9.37 15.90
N GLY A 2 -9.66 -9.67 15.16
CA GLY A 2 -9.48 -11.01 14.63
C GLY A 2 -8.37 -11.09 13.61
N ALA A 3 -8.59 -11.83 12.54
CA ALA A 3 -7.59 -12.01 11.49
C ALA A 3 -7.44 -10.74 10.67
N ILE A 4 -8.53 -9.99 10.55
CA ILE A 4 -8.53 -8.74 9.81
C ILE A 4 -7.59 -7.73 10.46
N CYS A 5 -6.49 -7.44 9.78
CA CYS A 5 -5.50 -6.52 10.30
C CYS A 5 -5.73 -5.13 9.72
N TRP A 6 -6.82 -4.98 8.98
CA TRP A 6 -7.21 -3.70 8.42
C TRP A 6 -7.77 -2.81 9.53
N GLY A 7 -7.06 -1.76 9.85
CA GLY A 7 -7.51 -0.83 10.87
C GLY A 7 -7.24 0.60 10.50
N PRO A 8 -6.62 1.39 11.39
CA PRO A 8 -6.27 2.78 11.11
C PRO A 8 -5.27 2.91 9.95
N CYS A 9 -4.43 1.90 9.81
CA CYS A 9 -3.43 1.88 8.74
C CYS A 9 -3.56 0.61 7.91
N PRO A 10 -4.28 0.71 6.77
CA PRO A 10 -4.54 -0.43 5.89
C PRO A 10 -3.25 -1.05 5.32
N THR A 11 -3.03 -2.32 5.63
CA THR A 11 -1.87 -3.03 5.12
C THR A 11 -2.10 -3.45 3.67
N ALA A 12 -3.32 -3.87 3.38
CA ALA A 12 -3.70 -4.28 2.04
C ALA A 12 -3.44 -3.17 1.03
N PHE A 13 -3.72 -1.94 1.43
CA PHE A 13 -3.56 -0.78 0.55
C PHE A 13 -2.08 -0.59 0.19
N ARG A 14 -1.20 -0.96 1.11
CA ARG A 14 0.23 -0.82 0.91
C ARG A 14 0.70 -1.80 -0.18
N GLN A 15 -0.02 -2.90 -0.30
CA GLN A 15 0.30 -3.92 -1.29
C GLN A 15 -0.37 -3.60 -2.62
N ILE A 16 -1.48 -2.87 -2.54
CA ILE A 16 -2.21 -2.46 -3.72
C ILE A 16 -1.45 -1.36 -4.48
N GLY A 17 -1.14 -0.28 -3.77
CA GLY A 17 -0.51 0.86 -4.42
C GLY A 17 -1.44 1.49 -5.44
N ASN A 18 -2.27 2.41 -4.96
CA ASN A 18 -3.38 2.97 -5.74
C ASN A 18 -2.96 3.39 -7.15
N CYS A 19 -3.56 2.72 -8.14
CA CYS A 19 -3.36 3.04 -9.55
C CYS A 19 -1.90 2.91 -9.96
N GLY A 20 -1.22 1.93 -9.39
CA GLY A 20 0.19 1.73 -9.69
C GLY A 20 1.04 2.83 -9.09
N ARG A 21 0.89 3.01 -7.79
CA ARG A 21 1.60 4.06 -7.07
C ARG A 21 3.10 3.80 -7.06
N PHE A 22 3.47 2.53 -7.07
CA PHE A 22 4.86 2.12 -7.11
C PHE A 22 5.31 2.00 -8.57
N ARG A 23 6.55 2.35 -8.83
CA ARG A 23 7.06 2.35 -10.20
C ARG A 23 7.79 1.06 -10.50
N VAL A 24 7.12 0.17 -11.23
CA VAL A 24 7.69 -1.10 -11.59
C VAL A 24 8.67 -0.94 -12.75
N ARG A 25 8.29 -0.09 -13.71
CA ARG A 25 9.13 0.14 -14.88
C ARG A 25 10.46 0.79 -14.50
N CYS A 26 10.46 1.54 -13.40
CA CYS A 26 11.67 2.20 -12.93
C CYS A 26 12.74 1.16 -12.57
N CYS A 27 12.30 0.04 -12.02
CA CYS A 27 13.21 -1.01 -11.61
C CYS A 27 13.31 -2.10 -12.68
N ARG A 28 12.53 -1.94 -13.74
CA ARG A 28 12.53 -2.90 -14.84
C ARG A 28 13.38 -2.38 -15.99
N ILE A 29 13.17 -1.13 -16.33
CA ILE A 29 13.85 -0.51 -17.46
C ILE A 29 14.82 0.57 -16.98
N ARG A 30 16.09 0.40 -17.32
CA ARG A 30 17.14 1.35 -16.98
C ARG A 30 17.23 1.55 -15.46
N ASN A 1 -7.97 -7.41 10.09
CA ASN A 1 -7.76 -8.71 10.76
C ASN A 1 -7.59 -9.83 9.73
N GLY A 2 -8.58 -10.02 8.88
CA GLY A 2 -8.51 -11.06 7.88
C GLY A 2 -9.11 -10.63 6.56
N ALA A 3 -10.44 -10.70 6.46
CA ALA A 3 -11.14 -10.29 5.25
C ALA A 3 -11.07 -8.78 5.07
N ILE A 4 -11.13 -8.08 6.19
CA ILE A 4 -10.99 -6.63 6.20
C ILE A 4 -9.59 -6.25 6.66
N CYS A 5 -8.78 -5.77 5.74
CA CYS A 5 -7.42 -5.37 6.03
C CYS A 5 -7.33 -3.85 6.10
N TRP A 6 -8.48 -3.21 6.20
CA TRP A 6 -8.54 -1.76 6.32
C TRP A 6 -8.75 -1.39 7.79
N GLY A 7 -7.89 -0.54 8.31
CA GLY A 7 -8.02 -0.08 9.68
C GLY A 7 -7.31 1.23 9.89
N PRO A 8 -6.72 1.46 11.08
CA PRO A 8 -5.92 2.66 11.36
C PRO A 8 -4.65 2.70 10.50
N CYS A 9 -4.24 1.54 10.02
CA CYS A 9 -3.11 1.44 9.11
C CYS A 9 -3.37 0.36 8.07
N PRO A 10 -4.08 0.71 6.99
CA PRO A 10 -4.47 -0.24 5.94
C PRO A 10 -3.26 -0.87 5.25
N THR A 11 -3.14 -2.17 5.36
CA THR A 11 -1.99 -2.87 4.82
C THR A 11 -2.22 -3.29 3.38
N ALA A 12 -3.41 -3.76 3.10
CA ALA A 12 -3.75 -4.26 1.76
C ALA A 12 -3.73 -3.12 0.76
N PHE A 13 -4.34 -2.00 1.13
CA PHE A 13 -4.45 -0.85 0.23
C PHE A 13 -3.08 -0.32 -0.17
N ARG A 14 -2.14 -0.35 0.77
CA ARG A 14 -0.78 0.11 0.49
C ARG A 14 0.02 -0.97 -0.23
N GLN A 15 -0.37 -2.23 -0.01
CA GLN A 15 0.34 -3.34 -0.63
C GLN A 15 -0.05 -3.44 -2.11
N ILE A 16 -1.28 -3.06 -2.42
CA ILE A 16 -1.73 -2.99 -3.80
C ILE A 16 -0.92 -1.92 -4.55
N GLY A 17 -0.58 -0.86 -3.84
CA GLY A 17 0.32 0.13 -4.38
C GLY A 17 1.74 -0.41 -4.40
N ASN A 18 2.17 -0.89 -5.56
CA ASN A 18 3.48 -1.52 -5.67
C ASN A 18 4.59 -0.50 -5.82
N CYS A 19 5.82 -0.98 -5.91
CA CYS A 19 6.99 -0.13 -6.04
C CYS A 19 6.95 0.70 -7.31
N GLY A 20 6.89 0.02 -8.44
CA GLY A 20 6.83 0.69 -9.72
C GLY A 20 6.45 -0.25 -10.83
N ARG A 21 5.66 0.23 -11.78
CA ARG A 21 5.23 -0.56 -12.91
C ARG A 21 6.32 -0.57 -13.98
N PHE A 22 7.14 0.45 -13.95
CA PHE A 22 8.28 0.57 -14.86
C PHE A 22 9.56 0.20 -14.12
N ARG A 23 10.71 0.61 -14.64
CA ARG A 23 11.98 0.30 -14.00
C ARG A 23 12.05 0.92 -12.60
N VAL A 24 12.08 0.07 -11.59
CA VAL A 24 12.07 0.51 -10.20
C VAL A 24 13.38 1.22 -9.84
N ARG A 25 14.45 0.89 -10.55
CA ARG A 25 15.73 1.57 -10.37
C ARG A 25 15.59 3.06 -10.65
N CYS A 26 14.71 3.39 -11.59
CA CYS A 26 14.48 4.77 -11.99
C CYS A 26 13.75 5.54 -10.88
N CYS A 27 13.10 4.81 -9.99
CA CYS A 27 12.43 5.42 -8.85
C CYS A 27 13.40 5.61 -7.70
N ARG A 28 14.55 4.96 -7.79
CA ARG A 28 15.53 4.98 -6.72
C ARG A 28 16.65 5.96 -7.02
N ILE A 29 17.22 5.87 -8.21
CA ILE A 29 18.34 6.72 -8.57
C ILE A 29 17.86 7.96 -9.31
N ARG A 30 18.69 8.99 -9.31
CA ARG A 30 18.37 10.23 -10.02
C ARG A 30 19.65 10.87 -10.55
N ASN A 1 -9.54 3.90 18.05
CA ASN A 1 -9.88 2.66 17.31
C ASN A 1 -11.30 2.74 16.76
N GLY A 2 -12.06 3.73 17.23
CA GLY A 2 -13.42 3.90 16.75
C GLY A 2 -13.47 4.30 15.29
N ALA A 3 -12.56 5.18 14.89
CA ALA A 3 -12.51 5.65 13.52
C ALA A 3 -12.08 4.54 12.57
N ILE A 4 -11.01 3.84 12.94
CA ILE A 4 -10.49 2.75 12.12
C ILE A 4 -10.21 1.52 12.98
N CYS A 5 -10.79 0.39 12.58
CA CYS A 5 -10.58 -0.87 13.28
C CYS A 5 -9.76 -1.81 12.41
N TRP A 6 -9.15 -1.26 11.36
CA TRP A 6 -8.36 -2.05 10.44
C TRP A 6 -6.86 -1.88 10.72
N GLY A 7 -6.53 -1.78 12.00
CA GLY A 7 -5.15 -1.60 12.38
C GLY A 7 -4.76 -0.13 12.39
N PRO A 8 -3.50 0.20 12.69
CA PRO A 8 -3.01 1.57 12.64
C PRO A 8 -3.00 2.12 11.21
N CYS A 9 -2.76 1.23 10.26
CA CYS A 9 -2.72 1.59 8.86
C CYS A 9 -2.97 0.37 7.98
N PRO A 10 -4.17 0.29 7.36
CA PRO A 10 -4.54 -0.83 6.49
C PRO A 10 -3.47 -1.14 5.45
N THR A 11 -2.97 -2.36 5.50
CA THR A 11 -1.83 -2.75 4.67
C THR A 11 -2.30 -3.30 3.33
N ALA A 12 -3.55 -3.74 3.25
CA ALA A 12 -4.08 -4.34 2.03
C ALA A 12 -3.95 -3.40 0.83
N PHE A 13 -4.39 -2.17 1.01
CA PHE A 13 -4.32 -1.19 -0.07
C PHE A 13 -2.88 -0.74 -0.30
N ARG A 14 -2.10 -0.67 0.76
CA ARG A 14 -0.70 -0.25 0.66
C ARG A 14 0.12 -1.30 -0.07
N GLN A 15 -0.34 -2.54 -0.02
CA GLN A 15 0.29 -3.63 -0.75
C GLN A 15 0.01 -3.49 -2.24
N ILE A 16 -1.15 -2.92 -2.56
CA ILE A 16 -1.52 -2.66 -3.94
C ILE A 16 -0.75 -1.47 -4.47
N GLY A 17 -0.65 -0.43 -3.65
CA GLY A 17 0.04 0.78 -4.06
C GLY A 17 -0.86 1.68 -4.88
N ASN A 18 -1.38 1.11 -5.97
CA ASN A 18 -2.32 1.78 -6.86
C ASN A 18 -1.68 2.99 -7.55
N CYS A 19 -1.73 4.15 -6.90
CA CYS A 19 -1.20 5.37 -7.47
C CYS A 19 0.32 5.31 -7.59
N GLY A 20 0.94 4.58 -6.67
CA GLY A 20 2.37 4.42 -6.70
C GLY A 20 2.78 3.07 -7.26
N ARG A 21 1.88 2.43 -7.99
CA ARG A 21 2.18 1.14 -8.58
C ARG A 21 2.71 1.31 -10.01
N PHE A 22 2.32 2.38 -10.66
CA PHE A 22 2.79 2.68 -12.00
C PHE A 22 3.87 3.76 -11.94
N ARG A 23 4.81 3.70 -12.88
CA ARG A 23 5.89 4.68 -12.93
C ARG A 23 5.35 6.03 -13.40
N VAL A 24 5.97 7.10 -12.91
CA VAL A 24 5.46 8.45 -13.09
C VAL A 24 5.69 8.96 -14.53
N ARG A 25 6.31 8.14 -15.36
CA ARG A 25 6.54 8.50 -16.76
C ARG A 25 5.24 8.79 -17.49
N CYS A 26 4.20 8.03 -17.18
CA CYS A 26 2.90 8.23 -17.84
C CYS A 26 2.18 9.45 -17.27
N CYS A 27 2.72 10.01 -16.20
CA CYS A 27 2.08 11.12 -15.52
C CYS A 27 2.65 12.45 -16.02
N ARG A 28 3.61 12.38 -16.95
CA ARG A 28 4.16 13.59 -17.55
C ARG A 28 3.12 14.27 -18.43
N ILE A 29 2.24 13.45 -19.01
CA ILE A 29 1.14 13.95 -19.82
C ILE A 29 0.00 14.40 -18.91
N ARG A 30 -0.42 13.50 -18.02
CA ARG A 30 -1.48 13.79 -17.07
C ARG A 30 -1.53 12.72 -15.99
N ASN A 1 4.50 6.02 13.49
CA ASN A 1 3.31 5.30 12.96
C ASN A 1 3.45 5.11 11.45
N GLY A 2 2.86 4.03 10.94
CA GLY A 2 2.92 3.77 9.51
C GLY A 2 3.92 2.71 9.14
N ALA A 3 4.79 2.36 10.08
CA ALA A 3 5.84 1.38 9.84
C ALA A 3 5.35 -0.02 10.13
N ILE A 4 4.17 -0.11 10.75
CA ILE A 4 3.58 -1.39 11.09
C ILE A 4 2.71 -1.90 9.93
N CYS A 5 3.08 -3.04 9.38
CA CYS A 5 2.34 -3.64 8.28
C CYS A 5 1.16 -4.46 8.79
N TRP A 6 1.19 -4.76 10.08
CA TRP A 6 0.14 -5.54 10.71
C TRP A 6 -0.58 -4.69 11.76
N GLY A 7 -0.75 -3.42 11.48
CA GLY A 7 -1.37 -2.52 12.42
C GLY A 7 -2.63 -1.88 11.87
N PRO A 8 -3.11 -0.79 12.48
CA PRO A 8 -4.32 -0.09 12.04
C PRO A 8 -4.18 0.47 10.63
N CYS A 9 -2.94 0.78 10.25
CA CYS A 9 -2.63 1.25 8.91
C CYS A 9 -3.03 0.21 7.88
N PRO A 10 -3.74 0.60 6.81
CA PRO A 10 -4.24 -0.32 5.79
C PRO A 10 -3.15 -1.23 5.25
N THR A 11 -3.33 -2.53 5.45
CA THR A 11 -2.32 -3.51 5.10
C THR A 11 -2.45 -3.97 3.64
N ALA A 12 -3.63 -3.77 3.07
CA ALA A 12 -3.90 -4.23 1.71
C ALA A 12 -3.69 -3.11 0.70
N PHE A 13 -4.24 -1.94 0.99
CA PHE A 13 -4.18 -0.81 0.06
C PHE A 13 -2.75 -0.35 -0.14
N ARG A 14 -1.97 -0.35 0.94
CA ARG A 14 -0.56 0.06 0.86
C ARG A 14 0.30 -1.04 0.26
N GLN A 15 -0.28 -2.22 0.14
CA GLN A 15 0.40 -3.36 -0.45
C GLN A 15 0.19 -3.33 -1.96
N ILE A 16 -1.05 -3.10 -2.36
CA ILE A 16 -1.38 -3.01 -3.78
C ILE A 16 -0.77 -1.76 -4.39
N GLY A 17 -1.09 -0.61 -3.80
CA GLY A 17 -0.58 0.65 -4.32
C GLY A 17 -1.21 1.83 -3.63
N ASN A 18 -0.39 2.58 -2.90
CA ASN A 18 -0.84 3.78 -2.20
C ASN A 18 0.35 4.68 -1.91
N CYS A 19 1.23 4.20 -1.03
CA CYS A 19 2.43 4.94 -0.67
C CYS A 19 3.40 4.00 0.04
N GLY A 20 3.56 2.81 -0.51
CA GLY A 20 4.37 1.80 0.13
C GLY A 20 5.26 1.05 -0.85
N ARG A 21 6.00 1.77 -1.67
CA ARG A 21 6.99 1.15 -2.55
C ARG A 21 8.39 1.39 -2.00
N PHE A 22 8.46 2.21 -0.96
CA PHE A 22 9.71 2.58 -0.34
C PHE A 22 9.50 2.75 1.16
N ARG A 23 10.53 3.17 1.88
CA ARG A 23 10.38 3.43 3.31
C ARG A 23 9.64 4.73 3.53
N VAL A 24 8.54 4.66 4.28
CA VAL A 24 7.65 5.79 4.44
C VAL A 24 8.32 6.98 5.11
N ARG A 25 9.49 6.75 5.70
CA ARG A 25 10.28 7.82 6.30
C ARG A 25 10.60 8.90 5.26
N CYS A 26 10.82 8.47 4.02
CA CYS A 26 11.21 9.37 2.95
C CYS A 26 10.04 10.29 2.58
N CYS A 27 8.84 9.74 2.55
CA CYS A 27 7.65 10.52 2.23
C CYS A 27 7.28 11.42 3.40
N ARG A 28 7.66 11.01 4.60
CA ARG A 28 7.35 11.76 5.80
C ARG A 28 8.30 12.95 5.95
N ILE A 29 9.54 12.78 5.55
CA ILE A 29 10.52 13.85 5.69
C ILE A 29 10.44 14.83 4.53
N ARG A 30 10.00 14.36 3.36
CA ARG A 30 9.84 15.23 2.21
C ARG A 30 8.36 15.42 1.88
N ASN A 1 -10.76 -1.47 14.76
CA ASN A 1 -10.88 -0.72 16.04
C ASN A 1 -12.33 -0.34 16.29
N GLY A 2 -13.18 -1.33 16.56
CA GLY A 2 -14.58 -1.07 16.83
C GLY A 2 -15.33 -0.58 15.61
N ALA A 3 -15.72 0.69 15.62
CA ALA A 3 -16.44 1.27 14.50
C ALA A 3 -15.49 1.57 13.35
N ILE A 4 -14.24 1.84 13.69
CA ILE A 4 -13.22 2.11 12.69
C ILE A 4 -12.51 0.82 12.29
N CYS A 5 -12.93 0.24 11.18
CA CYS A 5 -12.31 -0.99 10.68
C CYS A 5 -11.28 -0.65 9.62
N TRP A 6 -11.37 0.55 9.07
CA TRP A 6 -10.45 1.01 8.05
C TRP A 6 -9.62 2.18 8.58
N GLY A 7 -8.31 2.04 8.57
CA GLY A 7 -7.45 3.09 9.06
C GLY A 7 -6.80 3.88 7.95
N PRO A 8 -6.07 4.96 8.28
CA PRO A 8 -5.41 5.82 7.29
C PRO A 8 -4.39 5.07 6.43
N CYS A 9 -3.77 4.05 7.03
CA CYS A 9 -2.76 3.28 6.34
C CYS A 9 -3.08 1.78 6.40
N PRO A 10 -3.93 1.31 5.48
CA PRO A 10 -4.33 -0.09 5.42
C PRO A 10 -3.24 -0.97 4.80
N THR A 11 -2.87 -2.01 5.53
CA THR A 11 -1.80 -2.90 5.11
C THR A 11 -2.11 -3.60 3.79
N ALA A 12 -3.38 -3.90 3.58
CA ALA A 12 -3.81 -4.55 2.35
C ALA A 12 -3.79 -3.58 1.18
N PHE A 13 -3.96 -2.30 1.48
CA PHE A 13 -3.99 -1.27 0.45
C PHE A 13 -2.59 -0.94 -0.03
N ARG A 14 -1.63 -0.94 0.89
CA ARG A 14 -0.25 -0.60 0.56
C ARG A 14 0.35 -1.65 -0.38
N GLN A 15 -0.19 -2.85 -0.32
CA GLN A 15 0.23 -3.93 -1.21
C GLN A 15 -0.18 -3.60 -2.64
N ILE A 16 -1.28 -2.87 -2.77
CA ILE A 16 -1.78 -2.45 -4.07
C ILE A 16 -1.12 -1.14 -4.50
N GLY A 17 -1.00 -0.21 -3.56
CA GLY A 17 -0.37 1.05 -3.82
C GLY A 17 1.15 0.97 -3.68
N ASN A 18 1.73 1.88 -2.93
CA ASN A 18 3.17 1.85 -2.71
C ASN A 18 3.48 1.04 -1.46
N CYS A 19 4.30 0.01 -1.62
CA CYS A 19 4.60 -0.90 -0.54
C CYS A 19 5.78 -0.39 0.27
N GLY A 20 5.58 0.71 0.98
CA GLY A 20 6.62 1.28 1.81
C GLY A 20 6.82 0.51 3.09
N ARG A 21 7.00 -0.80 2.97
CA ARG A 21 7.18 -1.67 4.12
C ARG A 21 8.51 -2.43 4.02
N PHE A 22 9.27 -2.13 2.98
CA PHE A 22 10.60 -2.70 2.82
C PHE A 22 11.62 -1.58 2.73
N ARG A 23 12.88 -1.91 3.00
CA ARG A 23 13.94 -0.92 2.98
C ARG A 23 14.49 -0.79 1.57
N VAL A 24 14.50 0.44 1.05
CA VAL A 24 14.95 0.70 -0.31
C VAL A 24 16.42 0.32 -0.50
N ARG A 25 17.16 0.29 0.59
CA ARG A 25 18.56 -0.12 0.56
C ARG A 25 18.69 -1.58 0.15
N CYS A 26 17.66 -2.37 0.46
CA CYS A 26 17.65 -3.78 0.10
C CYS A 26 17.53 -3.95 -1.41
N CYS A 27 16.96 -2.94 -2.07
CA CYS A 27 16.84 -2.92 -3.51
C CYS A 27 18.20 -2.65 -4.14
N ARG A 28 19.13 -2.16 -3.34
CA ARG A 28 20.50 -1.96 -3.77
C ARG A 28 21.28 -3.25 -3.56
N ILE A 29 20.93 -3.96 -2.50
CA ILE A 29 21.58 -5.22 -2.17
C ILE A 29 21.29 -6.28 -3.23
N ARG A 30 20.01 -6.52 -3.48
CA ARG A 30 19.60 -7.49 -4.47
C ARG A 30 18.61 -6.86 -5.45
N ASN A 1 -14.51 6.11 8.83
CA ASN A 1 -13.61 4.97 8.59
C ASN A 1 -14.39 3.70 8.24
N GLY A 2 -15.40 3.85 7.41
CA GLY A 2 -16.20 2.70 7.00
C GLY A 2 -15.43 1.80 6.06
N ALA A 3 -14.71 2.39 5.13
CA ALA A 3 -13.89 1.64 4.18
C ALA A 3 -12.61 1.17 4.84
N ILE A 4 -12.16 1.92 5.84
CA ILE A 4 -10.94 1.59 6.55
C ILE A 4 -11.23 0.53 7.61
N CYS A 5 -11.11 -0.72 7.22
CA CYS A 5 -11.42 -1.83 8.11
C CYS A 5 -10.20 -2.68 8.42
N TRP A 6 -9.05 -2.29 7.88
CA TRP A 6 -7.82 -3.05 8.09
C TRP A 6 -6.86 -2.28 8.99
N GLY A 7 -7.38 -1.79 10.10
CA GLY A 7 -6.57 -1.01 11.03
C GLY A 7 -6.51 0.45 10.65
N PRO A 8 -5.60 1.23 11.26
CA PRO A 8 -5.42 2.64 10.93
C PRO A 8 -4.89 2.83 9.50
N CYS A 9 -3.85 2.09 9.18
CA CYS A 9 -3.27 2.12 7.84
C CYS A 9 -3.36 0.73 7.23
N PRO A 10 -4.42 0.47 6.45
CA PRO A 10 -4.69 -0.84 5.85
C PRO A 10 -3.48 -1.41 5.10
N THR A 11 -2.99 -2.55 5.55
CA THR A 11 -1.87 -3.20 4.92
C THR A 11 -2.24 -3.67 3.52
N ALA A 12 -3.50 -4.06 3.35
CA ALA A 12 -4.02 -4.46 2.06
C ALA A 12 -3.98 -3.29 1.08
N PHE A 13 -4.25 -2.09 1.58
CA PHE A 13 -4.28 -0.90 0.75
C PHE A 13 -2.86 -0.43 0.43
N ARG A 14 -1.93 -0.73 1.32
CA ARG A 14 -0.53 -0.38 1.12
C ARG A 14 0.19 -1.48 0.34
N GLN A 15 -0.52 -2.57 0.11
CA GLN A 15 0.05 -3.72 -0.58
C GLN A 15 -0.29 -3.66 -2.07
N ILE A 16 -0.73 -2.49 -2.50
CA ILE A 16 -1.05 -2.27 -3.90
C ILE A 16 0.22 -2.24 -4.74
N GLY A 17 1.22 -1.51 -4.25
CA GLY A 17 2.50 -1.47 -4.92
C GLY A 17 3.28 -2.73 -4.70
N ASN A 18 3.25 -3.62 -5.69
CA ASN A 18 3.89 -4.93 -5.58
C ASN A 18 5.41 -4.81 -5.71
N CYS A 19 5.87 -4.43 -6.89
CA CYS A 19 7.29 -4.35 -7.15
C CYS A 19 7.62 -3.03 -7.84
N GLY A 20 8.85 -2.57 -7.67
CA GLY A 20 9.28 -1.32 -8.27
C GLY A 20 9.02 -0.14 -7.37
N ARG A 21 8.62 -0.43 -6.14
CA ARG A 21 8.38 0.61 -5.15
C ARG A 21 9.71 1.14 -4.65
N PHE A 22 10.65 0.23 -4.47
CA PHE A 22 12.00 0.58 -4.10
C PHE A 22 12.98 0.00 -5.10
N ARG A 23 14.07 0.70 -5.34
CA ARG A 23 15.05 0.27 -6.33
C ARG A 23 16.24 -0.39 -5.64
N VAL A 24 16.79 -1.40 -6.28
CA VAL A 24 17.89 -2.16 -5.70
C VAL A 24 19.23 -1.70 -6.27
N ARG A 25 19.26 -1.42 -7.57
CA ARG A 25 20.50 -1.04 -8.25
C ARG A 25 21.08 0.26 -7.68
N CYS A 26 20.22 1.13 -7.18
CA CYS A 26 20.68 2.39 -6.62
C CYS A 26 21.49 2.15 -5.35
N CYS A 27 21.01 1.26 -4.50
CA CYS A 27 21.70 0.91 -3.27
C CYS A 27 23.02 0.19 -3.56
N ARG A 28 23.17 -0.26 -4.79
CA ARG A 28 24.38 -0.95 -5.20
C ARG A 28 25.43 0.06 -5.67
N ILE A 29 24.98 1.19 -6.19
CA ILE A 29 25.90 2.19 -6.72
C ILE A 29 26.10 3.36 -5.76
N ARG A 30 25.14 3.59 -4.87
CA ARG A 30 25.25 4.67 -3.90
C ARG A 30 24.71 4.23 -2.54
N ASN A 1 -3.85 -12.07 7.90
CA ASN A 1 -2.66 -12.08 7.01
C ASN A 1 -2.19 -10.68 6.71
N GLY A 2 -2.92 -9.68 7.22
CA GLY A 2 -2.55 -8.30 7.00
C GLY A 2 -3.13 -7.76 5.70
N ALA A 3 -4.25 -8.32 5.28
CA ALA A 3 -4.90 -7.89 4.05
C ALA A 3 -6.07 -6.94 4.36
N ILE A 4 -6.00 -6.31 5.51
CA ILE A 4 -7.06 -5.39 5.92
C ILE A 4 -6.94 -4.07 5.17
N CYS A 5 -8.05 -3.63 4.61
CA CYS A 5 -8.12 -2.35 3.93
C CYS A 5 -8.80 -1.33 4.82
N TRP A 6 -9.45 -1.82 5.86
CA TRP A 6 -10.13 -0.96 6.81
C TRP A 6 -9.53 -1.14 8.20
N GLY A 7 -9.30 -0.04 8.88
CA GLY A 7 -8.73 -0.09 10.21
C GLY A 7 -7.93 1.16 10.51
N PRO A 8 -7.09 1.13 11.56
CA PRO A 8 -6.24 2.27 11.93
C PRO A 8 -5.31 2.66 10.79
N CYS A 9 -4.78 1.66 10.12
CA CYS A 9 -3.96 1.86 8.94
C CYS A 9 -4.15 0.69 7.98
N PRO A 10 -4.75 0.94 6.79
CA PRO A 10 -4.92 -0.09 5.78
C PRO A 10 -3.59 -0.74 5.41
N THR A 11 -3.47 -2.03 5.66
CA THR A 11 -2.21 -2.74 5.46
C THR A 11 -2.09 -3.23 4.02
N ALA A 12 -3.23 -3.36 3.36
CA ALA A 12 -3.25 -3.83 1.98
C ALA A 12 -3.04 -2.69 1.00
N PHE A 13 -3.04 -1.47 1.51
CA PHE A 13 -2.91 -0.29 0.65
C PHE A 13 -1.57 -0.28 -0.09
N ARG A 14 -0.50 -0.58 0.63
CA ARG A 14 0.83 -0.61 0.01
C ARG A 14 1.09 -1.96 -0.62
N GLN A 15 0.07 -2.80 -0.66
CA GLN A 15 0.15 -4.07 -1.36
C GLN A 15 -0.54 -3.93 -2.72
N ILE A 16 -1.70 -3.28 -2.71
CA ILE A 16 -2.42 -2.99 -3.93
C ILE A 16 -1.73 -1.86 -4.68
N GLY A 17 -1.30 -0.85 -3.94
CA GLY A 17 -0.62 0.28 -4.54
C GLY A 17 0.86 0.04 -4.71
N ASN A 18 1.27 -1.22 -4.55
CA ASN A 18 2.65 -1.60 -4.75
C ASN A 18 2.93 -1.71 -6.24
N CYS A 19 4.01 -1.07 -6.69
CA CYS A 19 4.34 -1.03 -8.10
C CYS A 19 4.88 -2.38 -8.58
N GLY A 20 3.97 -3.30 -8.85
CA GLY A 20 4.34 -4.59 -9.40
C GLY A 20 3.53 -4.90 -10.63
N ARG A 21 3.16 -3.85 -11.35
CA ARG A 21 2.34 -3.98 -12.55
C ARG A 21 3.20 -4.39 -13.73
N PHE A 22 4.48 -4.07 -13.64
CA PHE A 22 5.45 -4.46 -14.66
C PHE A 22 6.05 -5.80 -14.29
N ARG A 23 6.66 -6.45 -15.27
CA ARG A 23 7.20 -7.79 -15.06
C ARG A 23 8.56 -7.73 -14.38
N VAL A 24 8.55 -7.99 -13.08
CA VAL A 24 9.76 -7.88 -12.27
C VAL A 24 10.80 -8.91 -12.69
N ARG A 25 10.34 -10.00 -13.29
CA ARG A 25 11.22 -11.05 -13.78
C ARG A 25 12.23 -10.50 -14.78
N CYS A 26 11.83 -9.47 -15.52
CA CYS A 26 12.68 -8.89 -16.56
C CYS A 26 13.69 -7.92 -15.96
N CYS A 27 13.20 -7.00 -15.14
CA CYS A 27 14.06 -5.96 -14.58
C CYS A 27 15.00 -6.52 -13.50
N ARG A 28 14.52 -7.50 -12.75
CA ARG A 28 15.33 -8.10 -11.71
C ARG A 28 16.20 -9.22 -12.29
N ILE A 29 15.79 -9.73 -13.46
CA ILE A 29 16.50 -10.79 -14.18
C ILE A 29 16.27 -12.16 -13.51
N ARG A 30 16.50 -12.22 -12.20
CA ARG A 30 16.32 -13.44 -11.41
C ARG A 30 17.37 -14.47 -11.80
N ASN A 1 0.08 -8.70 17.28
CA ASN A 1 -0.13 -7.31 17.75
C ASN A 1 -1.53 -7.13 18.29
N GLY A 2 -2.52 -7.08 17.41
CA GLY A 2 -3.89 -6.90 17.83
C GLY A 2 -4.77 -8.07 17.43
N ALA A 3 -5.95 -8.16 18.02
CA ALA A 3 -6.90 -9.22 17.69
C ALA A 3 -7.34 -9.08 16.25
N ILE A 4 -7.52 -7.84 15.83
CA ILE A 4 -7.88 -7.54 14.46
C ILE A 4 -6.65 -7.56 13.57
N CYS A 5 -6.85 -7.86 12.29
CA CYS A 5 -5.75 -7.96 11.34
C CYS A 5 -5.61 -6.65 10.56
N TRP A 6 -6.23 -5.60 11.07
CA TRP A 6 -6.19 -4.30 10.43
C TRP A 6 -6.02 -3.20 11.48
N GLY A 7 -5.95 -1.97 11.02
CA GLY A 7 -5.80 -0.85 11.93
C GLY A 7 -6.10 0.47 11.24
N PRO A 8 -5.51 1.58 11.70
CA PRO A 8 -5.70 2.89 11.10
C PRO A 8 -5.17 2.95 9.67
N CYS A 9 -4.24 2.06 9.37
CA CYS A 9 -3.62 2.00 8.05
C CYS A 9 -3.56 0.56 7.55
N PRO A 10 -4.60 0.13 6.81
CA PRO A 10 -4.66 -1.22 6.24
C PRO A 10 -3.46 -1.52 5.34
N THR A 11 -2.76 -2.61 5.66
CA THR A 11 -1.56 -2.99 4.92
C THR A 11 -1.92 -3.43 3.51
N ALA A 12 -3.11 -4.00 3.34
CA ALA A 12 -3.58 -4.43 2.05
C ALA A 12 -3.79 -3.24 1.12
N PHE A 13 -4.13 -2.09 1.70
CA PHE A 13 -4.31 -0.87 0.94
C PHE A 13 -2.97 -0.41 0.36
N ARG A 14 -1.92 -0.59 1.16
CA ARG A 14 -0.57 -0.22 0.74
C ARG A 14 0.01 -1.27 -0.19
N GLN A 15 -0.49 -2.49 -0.07
CA GLN A 15 -0.08 -3.60 -0.93
C GLN A 15 -0.48 -3.33 -2.37
N ILE A 16 -1.56 -2.58 -2.55
CA ILE A 16 -2.04 -2.24 -3.88
C ILE A 16 -1.05 -1.30 -4.57
N GLY A 17 -0.42 -0.44 -3.77
CA GLY A 17 0.57 0.46 -4.31
C GLY A 17 1.92 -0.20 -4.45
N ASN A 18 2.07 -1.03 -5.47
CA ASN A 18 3.29 -1.81 -5.66
C ASN A 18 4.43 -0.94 -6.18
N CYS A 19 4.21 -0.28 -7.30
CA CYS A 19 5.25 0.51 -7.92
C CYS A 19 4.68 1.79 -8.52
N GLY A 20 5.51 2.81 -8.63
CA GLY A 20 5.07 4.06 -9.22
C GLY A 20 4.83 5.15 -8.21
N ARG A 21 4.23 4.78 -7.08
CA ARG A 21 3.88 5.76 -6.05
C ARG A 21 5.11 6.21 -5.28
N PHE A 22 6.21 5.50 -5.46
CA PHE A 22 7.45 5.83 -4.77
C PHE A 22 8.23 6.86 -5.57
N ARG A 23 9.12 7.57 -4.90
CA ARG A 23 9.91 8.60 -5.56
C ARG A 23 11.30 8.08 -5.86
N VAL A 24 11.80 8.43 -7.05
CA VAL A 24 13.09 7.93 -7.51
C VAL A 24 14.26 8.60 -6.80
N ARG A 25 13.95 9.54 -5.90
CA ARG A 25 14.97 10.26 -5.16
C ARG A 25 15.45 9.45 -3.96
N CYS A 26 14.72 8.38 -3.64
CA CYS A 26 15.02 7.56 -2.47
C CYS A 26 16.38 6.87 -2.59
N CYS A 27 16.89 6.77 -3.81
CA CYS A 27 18.14 6.09 -4.08
C CYS A 27 19.32 6.78 -3.40
N ARG A 28 19.18 8.08 -3.14
CA ARG A 28 20.25 8.83 -2.50
C ARG A 28 20.15 8.69 -0.98
N ILE A 29 19.01 8.24 -0.51
CA ILE A 29 18.78 8.05 0.92
C ILE A 29 19.10 6.60 1.31
N ARG A 30 18.58 5.66 0.54
CA ARG A 30 18.80 4.25 0.81
C ARG A 30 19.50 3.58 -0.36
N ASN A 1 -13.34 0.87 17.97
CA ASN A 1 -12.43 2.03 17.77
C ASN A 1 -13.04 3.03 16.80
N GLY A 2 -13.88 2.57 15.87
CA GLY A 2 -14.50 3.47 14.93
C GLY A 2 -15.17 2.74 13.78
N ALA A 3 -15.76 3.49 12.86
CA ALA A 3 -16.46 2.91 11.72
C ALA A 3 -15.59 2.94 10.47
N ILE A 4 -14.29 2.89 10.68
CA ILE A 4 -13.33 2.92 9.60
C ILE A 4 -13.04 1.50 9.08
N CYS A 5 -13.69 1.14 7.98
CA CYS A 5 -13.56 -0.20 7.41
C CYS A 5 -12.21 -0.40 6.73
N TRP A 6 -11.57 0.69 6.35
CA TRP A 6 -10.24 0.60 5.78
C TRP A 6 -9.20 0.44 6.89
N GLY A 7 -9.56 0.90 8.09
CA GLY A 7 -8.70 0.76 9.24
C GLY A 7 -7.84 1.98 9.48
N PRO A 8 -7.22 2.09 10.66
CA PRO A 8 -6.29 3.18 10.98
C PRO A 8 -5.04 3.13 10.10
N CYS A 9 -4.50 1.93 9.93
CA CYS A 9 -3.34 1.73 9.09
C CYS A 9 -3.48 0.44 8.28
N PRO A 10 -4.07 0.54 7.08
CA PRO A 10 -4.30 -0.61 6.21
C PRO A 10 -3.01 -1.30 5.79
N THR A 11 -3.06 -2.61 5.67
CA THR A 11 -1.91 -3.39 5.26
C THR A 11 -2.13 -3.96 3.86
N ALA A 12 -3.24 -3.56 3.24
CA ALA A 12 -3.60 -4.01 1.91
C ALA A 12 -2.87 -3.23 0.81
N PHE A 13 -1.88 -2.45 1.20
CA PHE A 13 -1.12 -1.66 0.24
C PHE A 13 -0.19 -2.54 -0.58
N ARG A 14 0.23 -3.66 0.01
CA ARG A 14 1.04 -4.63 -0.71
C ARG A 14 0.20 -5.30 -1.80
N GLN A 15 -1.10 -5.37 -1.55
CA GLN A 15 -2.07 -5.91 -2.51
C GLN A 15 -2.26 -4.94 -3.67
N ILE A 16 -1.82 -3.71 -3.46
CA ILE A 16 -1.90 -2.68 -4.48
C ILE A 16 -0.56 -2.57 -5.22
N GLY A 17 0.52 -2.70 -4.46
CA GLY A 17 1.85 -2.55 -5.01
C GLY A 17 2.35 -3.79 -5.74
N ASN A 18 1.77 -4.03 -6.90
CA ASN A 18 2.18 -5.14 -7.77
C ASN A 18 1.60 -4.94 -9.15
N CYS A 19 2.05 -5.72 -10.11
CA CYS A 19 1.62 -5.57 -11.49
C CYS A 19 0.89 -6.82 -11.97
N GLY A 20 -0.24 -7.11 -11.34
CA GLY A 20 -1.03 -8.26 -11.71
C GLY A 20 -0.33 -9.57 -11.40
N ARG A 21 0.17 -9.69 -10.19
CA ARG A 21 0.86 -10.89 -9.76
C ARG A 21 -0.13 -11.98 -9.38
N PHE A 22 -1.31 -11.56 -8.95
CA PHE A 22 -2.35 -12.49 -8.54
C PHE A 22 -3.68 -12.08 -9.16
N ARG A 23 -4.70 -12.90 -8.96
CA ARG A 23 -6.01 -12.63 -9.50
C ARG A 23 -6.60 -11.34 -8.91
N VAL A 24 -6.77 -10.35 -9.77
CA VAL A 24 -7.29 -9.06 -9.35
C VAL A 24 -8.81 -9.05 -9.42
N ARG A 25 -9.36 -9.99 -10.18
CA ARG A 25 -10.82 -10.12 -10.33
C ARG A 25 -11.50 -10.22 -8.98
N CYS A 26 -10.87 -10.93 -8.05
CA CYS A 26 -11.41 -11.08 -6.71
C CYS A 26 -11.35 -9.74 -5.96
N CYS A 27 -10.28 -9.00 -6.18
CA CYS A 27 -10.08 -7.72 -5.51
C CYS A 27 -10.95 -6.62 -6.14
N ARG A 28 -11.65 -6.97 -7.21
CA ARG A 28 -12.56 -6.04 -7.87
C ARG A 28 -13.93 -6.10 -7.21
N ILE A 29 -14.29 -7.27 -6.72
CA ILE A 29 -15.58 -7.46 -6.05
C ILE A 29 -15.43 -7.41 -4.53
N ARG A 30 -14.32 -7.98 -4.04
CA ARG A 30 -13.99 -7.98 -2.62
C ARG A 30 -15.09 -8.66 -1.81
N ASN A 1 -13.49 -3.82 19.86
CA ASN A 1 -13.65 -5.28 19.71
C ASN A 1 -12.58 -5.86 18.80
N GLY A 2 -11.85 -4.98 18.12
CA GLY A 2 -10.78 -5.43 17.23
C GLY A 2 -10.89 -4.81 15.85
N ALA A 3 -11.28 -3.54 15.82
CA ALA A 3 -11.43 -2.82 14.56
C ALA A 3 -10.08 -2.48 13.96
N ILE A 4 -9.10 -2.28 14.83
CA ILE A 4 -7.75 -1.96 14.39
C ILE A 4 -6.99 -3.25 14.06
N CYS A 5 -7.10 -3.68 12.82
CA CYS A 5 -6.37 -4.85 12.35
C CYS A 5 -4.89 -4.53 12.21
N TRP A 6 -4.63 -3.31 11.75
CA TRP A 6 -3.26 -2.84 11.59
C TRP A 6 -3.16 -1.39 12.04
N GLY A 7 -4.04 -0.55 11.49
CA GLY A 7 -4.03 0.85 11.85
C GLY A 7 -4.88 1.68 10.91
N PRO A 8 -4.49 2.94 10.66
CA PRO A 8 -5.23 3.82 9.75
C PRO A 8 -5.20 3.34 8.32
N CYS A 9 -4.08 2.73 7.95
CA CYS A 9 -3.89 2.25 6.58
C CYS A 9 -3.91 0.73 6.56
N PRO A 10 -4.88 0.15 5.84
CA PRO A 10 -4.98 -1.31 5.67
C PRO A 10 -3.72 -1.89 5.05
N THR A 11 -3.35 -3.07 5.54
CA THR A 11 -2.13 -3.75 5.12
C THR A 11 -2.14 -4.03 3.62
N ALA A 12 -3.31 -4.40 3.10
CA ALA A 12 -3.45 -4.67 1.68
C ALA A 12 -3.45 -3.37 0.88
N PHE A 13 -3.88 -2.29 1.52
CA PHE A 13 -4.02 -1.00 0.84
C PHE A 13 -2.65 -0.45 0.45
N ARG A 14 -1.68 -0.58 1.34
CA ARG A 14 -0.34 -0.09 1.05
C ARG A 14 0.37 -1.03 0.08
N GLN A 15 -0.12 -2.26 -0.03
CA GLN A 15 0.46 -3.23 -0.94
C GLN A 15 -0.09 -3.05 -2.34
N ILE A 16 -1.38 -2.74 -2.44
CA ILE A 16 -2.00 -2.46 -3.73
C ILE A 16 -1.50 -1.12 -4.25
N GLY A 17 -1.22 -0.21 -3.33
CA GLY A 17 -0.58 1.04 -3.67
C GLY A 17 0.85 0.81 -4.13
N ASN A 18 0.99 0.48 -5.39
CA ASN A 18 2.27 0.08 -5.98
C ASN A 18 2.06 -0.21 -7.46
N CYS A 19 0.83 -0.59 -7.80
CA CYS A 19 0.45 -0.88 -9.17
C CYS A 19 0.58 0.38 -10.04
N GLY A 20 1.60 0.41 -10.87
CA GLY A 20 1.82 1.55 -11.73
C GLY A 20 2.94 2.44 -11.23
N ARG A 21 3.64 1.99 -10.19
CA ARG A 21 4.75 2.75 -9.63
C ARG A 21 6.04 2.45 -10.39
N PHE A 22 6.21 1.21 -10.77
CA PHE A 22 7.43 0.77 -11.46
C PHE A 22 7.13 0.56 -12.94
N ARG A 23 8.18 0.46 -13.74
CA ARG A 23 8.04 0.27 -15.17
C ARG A 23 8.24 -1.20 -15.54
N VAL A 24 7.15 -1.91 -15.72
CA VAL A 24 7.20 -3.33 -16.07
C VAL A 24 7.73 -3.51 -17.50
N ARG A 25 7.67 -2.44 -18.28
CA ARG A 25 8.12 -2.49 -19.66
C ARG A 25 9.60 -2.85 -19.75
N CYS A 26 10.42 -2.20 -18.94
CA CYS A 26 11.85 -2.47 -18.94
C CYS A 26 12.16 -3.72 -18.11
N CYS A 27 11.19 -4.13 -17.30
CA CYS A 27 11.33 -5.33 -16.48
C CYS A 27 11.18 -6.57 -17.36
N ARG A 28 10.45 -6.41 -18.45
CA ARG A 28 10.27 -7.49 -19.43
C ARG A 28 11.48 -7.55 -20.36
N ILE A 29 12.20 -6.43 -20.46
CA ILE A 29 13.36 -6.35 -21.31
C ILE A 29 14.53 -7.10 -20.69
N ARG A 30 15.07 -8.06 -21.43
CA ARG A 30 16.20 -8.85 -20.97
C ARG A 30 17.49 -8.34 -21.60
N ASN A 1 0.55 -5.25 15.71
CA ASN A 1 0.26 -4.54 16.97
C ASN A 1 -0.29 -5.53 18.01
N GLY A 2 -0.85 -5.02 19.10
CA GLY A 2 -1.35 -5.90 20.14
C GLY A 2 -2.62 -6.62 19.73
N ALA A 3 -3.70 -5.87 19.54
CA ALA A 3 -4.99 -6.46 19.25
C ALA A 3 -5.17 -6.70 17.75
N ILE A 4 -4.82 -5.71 16.95
CA ILE A 4 -5.03 -5.80 15.51
C ILE A 4 -3.71 -5.76 14.76
N CYS A 5 -3.72 -6.32 13.55
CA CYS A 5 -2.56 -6.32 12.68
C CYS A 5 -2.74 -5.31 11.56
N TRP A 6 -3.97 -4.82 11.42
CA TRP A 6 -4.30 -3.81 10.43
C TRP A 6 -5.47 -2.97 10.94
N GLY A 7 -5.68 -1.81 10.33
CA GLY A 7 -6.77 -0.95 10.76
C GLY A 7 -6.67 0.42 10.12
N PRO A 8 -6.48 1.47 10.92
CA PRO A 8 -6.21 2.82 10.40
C PRO A 8 -4.96 2.82 9.52
N CYS A 9 -4.09 1.87 9.79
CA CYS A 9 -2.93 1.61 8.97
C CYS A 9 -3.27 0.51 7.97
N PRO A 10 -3.55 0.88 6.71
CA PRO A 10 -3.94 -0.07 5.66
C PRO A 10 -2.78 -0.97 5.25
N THR A 11 -2.97 -2.27 5.36
CA THR A 11 -1.93 -3.23 4.99
C THR A 11 -2.17 -3.78 3.60
N ALA A 12 -3.43 -4.06 3.30
CA ALA A 12 -3.80 -4.58 1.99
C ALA A 12 -3.72 -3.49 0.93
N PHE A 13 -4.23 -2.31 1.28
CA PHE A 13 -4.23 -1.17 0.39
C PHE A 13 -2.80 -0.69 0.14
N ARG A 14 -1.95 -0.84 1.13
CA ARG A 14 -0.55 -0.46 1.01
C ARG A 14 0.17 -1.41 0.05
N GLN A 15 -0.29 -2.65 0.02
CA GLN A 15 0.26 -3.65 -0.89
C GLN A 15 -0.22 -3.38 -2.32
N ILE A 16 -1.41 -2.80 -2.43
CA ILE A 16 -1.97 -2.42 -3.71
C ILE A 16 -1.22 -1.22 -4.29
N GLY A 17 -0.98 -0.23 -3.45
CA GLY A 17 -0.26 0.95 -3.89
C GLY A 17 1.23 0.72 -3.98
N ASN A 18 1.87 0.55 -2.82
CA ASN A 18 3.30 0.27 -2.70
C ASN A 18 4.13 1.48 -3.15
N CYS A 19 4.19 1.70 -4.46
CA CYS A 19 4.97 2.79 -5.02
C CYS A 19 4.08 3.99 -5.30
N GLY A 20 2.99 4.08 -4.56
CA GLY A 20 2.05 5.16 -4.74
C GLY A 20 1.65 5.81 -3.44
N ARG A 21 2.28 6.94 -3.12
CA ARG A 21 1.96 7.69 -1.91
C ARG A 21 0.78 8.63 -2.18
N PHE A 22 0.21 8.47 -3.36
CA PHE A 22 -0.90 9.28 -3.81
C PHE A 22 -1.98 8.38 -4.40
N ARG A 23 -3.05 8.98 -4.90
CA ARG A 23 -4.11 8.21 -5.53
C ARG A 23 -3.70 7.88 -6.96
N VAL A 24 -3.54 6.58 -7.22
CA VAL A 24 -3.05 6.10 -8.51
C VAL A 24 -3.98 6.53 -9.64
N ARG A 25 -5.27 6.61 -9.34
CA ARG A 25 -6.27 7.02 -10.31
C ARG A 25 -5.94 8.40 -10.89
N CYS A 26 -5.47 9.30 -10.03
CA CYS A 26 -5.15 10.66 -10.44
C CYS A 26 -3.99 10.68 -11.43
N CYS A 27 -3.12 9.69 -11.33
CA CYS A 27 -1.94 9.62 -12.18
C CYS A 27 -2.21 8.79 -13.43
N ARG A 28 -3.20 7.90 -13.34
CA ARG A 28 -3.49 6.99 -14.43
C ARG A 28 -4.59 7.54 -15.33
N ILE A 29 -5.73 7.88 -14.74
CA ILE A 29 -6.89 8.31 -15.49
C ILE A 29 -6.76 9.78 -15.90
N ARG A 30 -6.03 10.00 -16.98
CA ARG A 30 -5.88 11.33 -17.53
C ARG A 30 -6.16 11.30 -19.03
#